data_8JFR
#
_entry.id   8JFR
#
_cell.length_a   58.712
_cell.length_b   58.712
_cell.length_c   240.593
_cell.angle_alpha   90.000
_cell.angle_beta   90.000
_cell.angle_gamma   90.000
#
_symmetry.space_group_name_H-M   'P 43'
#
loop_
_entity.id
_entity.type
_entity.pdbx_description
1 polymer AcrIIA15
2 polymer "DNA (5'-D(*AP*TP*TP*AP*TP*GP*AP*CP*AP*AP*AP*TP*GP*TP*CP*AP*TP*AP*G)-3')"
3 polymer "DNA (5'-D(*TP*CP*TP*AP*TP*GP*AP*CP*AP*TP*TP*TP*GP*TP*CP*AP*TP*AP*A)-3')"
#
loop_
_entity_poly.entity_id
_entity_poly.type
_entity_poly.pdbx_seq_one_letter_code
_entity_poly.pdbx_strand_id
1 'polypeptide(L)' SMRKTIERLLNSELSSNSIAVRTGVSQAVISKLRNGKKELGNLTLNSAEKLFEYQKEMEKVDT B,D,A,C
2 'polydeoxyribonucleotide' (DA)(DT)(DT)(DA)(DT)(DG)(DA)(DC)(DA)(DA)(DA)(DT)(DG)(DT)(DC)(DA)(DT)(DA)(DG) E,G
3 'polydeoxyribonucleotide' (DT)(DC)(DT)(DA)(DT)(DG)(DA)(DC)(DA)(DT)(DT)(DT)(DG)(DT)(DC)(DA)(DT)(DA)(DA) F,H
#
# COMPACT_ATOMS: atom_id res chain seq x y z
N SER A 1 7.35 -1.60 19.52
CA SER A 1 8.67 -1.03 19.76
C SER A 1 8.80 0.35 19.14
N MET A 2 8.17 1.34 19.77
CA MET A 2 8.24 2.71 19.27
C MET A 2 9.68 3.20 19.26
N ARG A 3 10.13 3.68 18.10
CA ARG A 3 11.50 4.17 17.94
C ARG A 3 11.79 5.34 18.89
N LYS A 4 10.79 6.18 19.11
CA LYS A 4 11.06 7.39 19.93
C LYS A 4 11.35 7.02 21.37
N THR A 5 10.57 6.11 21.96
CA THR A 5 10.76 5.73 23.38
C THR A 5 12.13 5.05 23.57
N ILE A 6 12.50 4.17 22.65
CA ILE A 6 13.80 3.46 22.75
C ILE A 6 14.88 4.53 22.64
N GLU A 7 14.62 5.52 21.82
CA GLU A 7 15.60 6.62 21.64
C GLU A 7 15.75 7.35 22.97
N ARG A 8 14.67 7.48 23.74
CA ARG A 8 14.74 8.21 25.03
C ARG A 8 15.63 7.43 25.99
N LEU A 9 15.47 6.11 26.04
CA LEU A 9 16.30 5.26 26.94
C LEU A 9 17.75 5.40 26.53
N LEU A 10 18.05 5.35 25.24
CA LEU A 10 19.46 5.39 24.79
C LEU A 10 20.05 6.78 25.12
N ASN A 11 19.22 7.81 25.08
CA ASN A 11 19.73 9.18 25.35
C ASN A 11 19.59 9.51 26.83
N SER A 12 19.12 8.55 27.64
CA SER A 12 18.91 8.80 29.09
C SER A 12 20.25 8.86 29.83
N GLU A 13 20.24 9.38 31.06
CA GLU A 13 21.47 9.45 31.88
C GLU A 13 21.71 8.11 32.57
N LEU A 14 20.80 7.15 32.37
CA LEU A 14 20.96 5.80 32.96
C LEU A 14 22.19 5.13 32.36
N SER A 15 22.91 4.35 33.16
CA SER A 15 24.15 3.70 32.69
C SER A 15 23.85 2.70 31.58
N SER A 16 24.77 2.55 30.63
CA SER A 16 24.57 1.57 29.54
C SER A 16 24.49 0.17 30.15
N ASN A 17 25.38 -0.13 31.10
CA ASN A 17 25.35 -1.45 31.78
C ASN A 17 24.06 -1.58 32.58
N SER A 18 23.66 -0.51 33.28
CA SER A 18 22.43 -0.58 34.13
C SER A 18 21.21 -0.85 33.26
N ILE A 19 21.11 -0.17 32.12
CA ILE A 19 19.97 -0.41 31.19
C ILE A 19 20.10 -1.87 30.72
N ALA A 20 21.31 -2.29 30.39
CA ALA A 20 21.49 -3.65 29.83
C ALA A 20 21.03 -4.70 30.83
N VAL A 21 21.33 -4.52 32.12
CA VAL A 21 20.99 -5.58 33.10
C VAL A 21 19.46 -5.73 33.17
N ARG A 22 18.76 -4.60 33.27
CA ARG A 22 17.28 -4.65 33.38
C ARG A 22 16.63 -5.11 32.07
N THR A 23 17.11 -4.60 30.93
CA THR A 23 16.55 -4.99 29.61
C THR A 23 16.85 -6.46 29.32
N GLY A 24 18.04 -6.92 29.68
CA GLY A 24 18.46 -8.29 29.33
C GLY A 24 19.26 -8.26 28.05
N VAL A 25 19.33 -7.08 27.41
CA VAL A 25 20.14 -6.91 26.18
C VAL A 25 21.60 -6.70 26.58
N SER A 26 22.54 -7.03 25.69
CA SER A 26 23.98 -6.94 26.04
C SER A 26 24.44 -5.49 26.21
N GLN A 27 25.31 -5.26 27.18
CA GLN A 27 25.90 -3.91 27.35
C GLN A 27 26.69 -3.61 26.07
N ALA A 28 27.30 -4.64 25.49
CA ALA A 28 28.02 -4.38 24.24
C ALA A 28 27.12 -3.73 23.21
N VAL A 29 25.93 -4.29 22.99
CA VAL A 29 25.02 -3.77 21.98
C VAL A 29 24.59 -2.37 22.34
N ILE A 30 24.34 -2.12 23.63
CA ILE A 30 23.88 -0.78 24.09
C ILE A 30 24.99 0.24 23.79
N SER A 31 26.22 -0.09 24.17
CA SER A 31 27.37 0.83 23.93
C SER A 31 27.51 1.10 22.44
N LYS A 32 27.46 0.06 21.61
CA LYS A 32 27.70 0.23 20.16
C LYS A 32 26.53 1.01 19.56
N LEU A 33 25.37 0.98 20.23
CA LEU A 33 24.20 1.75 19.75
C LEU A 33 24.39 3.22 20.13
N ARG A 34 24.68 3.50 21.39
CA ARG A 34 24.82 4.90 21.86
C ARG A 34 25.98 5.55 21.11
N ASN A 35 27.09 4.83 20.98
CA ASN A 35 28.29 5.40 20.32
C ASN A 35 28.01 5.60 18.83
N GLY A 36 27.43 4.60 18.18
CA GLY A 36 27.05 4.78 16.77
C GLY A 36 27.47 3.62 15.90
N LYS A 37 28.14 2.62 16.46
CA LYS A 37 28.65 1.51 15.61
C LYS A 37 27.46 0.73 15.04
N LYS A 38 26.41 0.55 15.84
CA LYS A 38 25.22 -0.22 15.40
C LYS A 38 24.06 0.76 15.15
N GLU A 39 23.08 0.34 14.36
CA GLU A 39 21.88 1.19 14.11
C GLU A 39 20.68 0.57 14.81
N LEU A 40 19.77 1.40 15.34
CA LEU A 40 18.57 0.90 16.05
C LEU A 40 17.73 0.13 15.05
N GLY A 41 17.72 0.57 13.79
CA GLY A 41 16.90 -0.08 12.75
C GLY A 41 17.26 -1.53 12.56
N ASN A 42 18.53 -1.89 12.73
CA ASN A 42 18.98 -3.28 12.45
C ASN A 42 18.75 -4.17 13.66
N LEU A 43 18.15 -3.65 14.74
CA LEU A 43 17.95 -4.43 15.99
C LEU A 43 16.77 -5.41 15.86
N THR A 44 16.95 -6.65 16.33
CA THR A 44 15.87 -7.67 16.36
C THR A 44 14.67 -7.11 17.12
N LEU A 45 13.48 -7.45 16.65
CA LEU A 45 12.24 -6.96 17.32
C LEU A 45 12.29 -7.43 18.76
N ASN A 46 12.85 -8.61 19.04
CA ASN A 46 12.81 -9.08 20.44
C ASN A 46 13.60 -8.10 21.30
N SER A 47 14.80 -7.75 20.85
CA SER A 47 15.66 -6.82 21.62
C SER A 47 15.00 -5.44 21.70
N ALA A 48 14.38 -5.02 20.60
CA ALA A 48 13.75 -3.68 20.58
C ALA A 48 12.62 -3.62 21.60
N GLU A 49 11.84 -4.69 21.69
CA GLU A 49 10.67 -4.73 22.61
C GLU A 49 11.22 -4.63 24.03
N LYS A 50 12.31 -5.33 24.32
CA LYS A 50 12.78 -5.29 25.72
C LYS A 50 13.12 -3.84 26.06
N LEU A 51 13.87 -3.16 25.20
CA LEU A 51 14.27 -1.74 25.48
C LEU A 51 13.01 -0.88 25.64
N PHE A 52 12.01 -1.07 24.79
CA PHE A 52 10.78 -0.24 24.83
C PHE A 52 10.05 -0.47 26.16
N GLU A 53 9.96 -1.73 26.57
CA GLU A 53 9.24 -2.08 27.83
C GLU A 53 9.98 -1.42 28.98
N TYR A 54 11.32 -1.47 28.96
CA TYR A 54 12.04 -0.92 30.12
C TYR A 54 11.80 0.59 30.16
N GLN A 55 11.78 1.26 29.02
CA GLN A 55 11.64 2.74 29.05
C GLN A 55 10.20 3.12 29.43
N LYS A 56 9.21 2.40 28.91
CA LYS A 56 7.79 2.73 29.19
C LYS A 56 7.49 2.53 30.68
N GLU A 57 8.02 1.47 31.29
CA GLU A 57 7.69 1.18 32.71
C GLU A 57 8.21 2.33 33.58
N MET A 58 9.13 3.12 33.07
CA MET A 58 9.70 4.27 33.82
C MET A 58 8.87 5.51 33.55
N GLU A 59 8.38 5.67 32.32
CA GLU A 59 7.64 6.91 31.96
C GLU A 59 6.37 7.01 32.79
N LYS A 60 5.66 5.90 33.01
CA LYS A 60 4.38 5.95 33.75
C LYS A 60 4.66 6.44 35.17
N VAL A 61 5.76 5.97 35.77
CA VAL A 61 6.15 6.44 37.13
C VAL A 61 6.31 7.97 37.09
N SER B 1 6.46 -0.31 16.20
CA SER B 1 6.15 -1.57 15.51
C SER B 1 5.72 -2.67 16.47
N MET B 2 4.46 -2.60 16.90
CA MET B 2 3.88 -3.58 17.82
C MET B 2 3.87 -4.97 17.19
N ARG B 3 4.35 -5.96 17.94
CA ARG B 3 4.40 -7.36 17.42
C ARG B 3 2.99 -7.80 17.07
N LYS B 4 1.99 -7.40 17.87
CA LYS B 4 0.62 -7.92 17.64
C LYS B 4 0.12 -7.44 16.29
N THR B 5 0.33 -6.18 15.94
CA THR B 5 -0.23 -5.63 14.68
C THR B 5 0.42 -6.30 13.47
N ILE B 6 1.72 -6.54 13.54
CA ILE B 6 2.45 -7.23 12.44
C ILE B 6 1.89 -8.64 12.36
N GLU B 7 1.62 -9.23 13.51
CA GLU B 7 1.07 -10.62 13.53
C GLU B 7 -0.28 -10.57 12.84
N ARG B 8 -1.03 -9.47 12.98
CA ARG B 8 -2.37 -9.34 12.33
C ARG B 8 -2.23 -9.25 10.81
N LEU B 9 -1.25 -8.49 10.32
CA LEU B 9 -1.03 -8.35 8.85
C LEU B 9 -0.61 -9.71 8.29
N LEU B 10 0.23 -10.44 9.02
CA LEU B 10 0.67 -11.78 8.56
C LEU B 10 -0.57 -12.69 8.47
N ASN B 11 -1.46 -12.58 9.44
CA ASN B 11 -2.67 -13.46 9.48
C ASN B 11 -3.71 -12.97 8.48
N SER B 12 -3.47 -11.82 7.83
CA SER B 12 -4.48 -11.24 6.90
C SER B 12 -4.61 -12.09 5.64
N GLU B 13 -5.64 -11.83 4.84
CA GLU B 13 -5.87 -12.59 3.59
C GLU B 13 -5.09 -11.93 2.45
N LEU B 14 -4.48 -10.78 2.71
CA LEU B 14 -3.76 -10.04 1.64
C LEU B 14 -2.59 -10.89 1.15
N SER B 15 -2.33 -10.88 -0.16
CA SER B 15 -1.24 -11.70 -0.74
C SER B 15 0.10 -11.24 -0.16
N SER B 16 1.01 -12.19 0.10
CA SER B 16 2.36 -11.84 0.58
C SER B 16 2.99 -10.81 -0.37
N ASN B 17 2.82 -11.01 -1.68
CA ASN B 17 3.40 -10.09 -2.69
C ASN B 17 2.67 -8.74 -2.64
N SER B 18 1.37 -8.76 -2.36
CA SER B 18 0.59 -7.50 -2.32
C SER B 18 1.09 -6.62 -1.18
N ILE B 19 1.30 -7.22 -0.01
CA ILE B 19 1.82 -6.47 1.15
C ILE B 19 3.22 -5.98 0.81
N ALA B 20 4.02 -6.82 0.14
CA ALA B 20 5.42 -6.45 -0.13
C ALA B 20 5.46 -5.18 -1.00
N VAL B 21 4.62 -5.12 -2.03
CA VAL B 21 4.70 -3.95 -2.94
C VAL B 21 4.36 -2.70 -2.13
N ARG B 22 3.31 -2.79 -1.31
CA ARG B 22 2.85 -1.62 -0.52
C ARG B 22 3.85 -1.25 0.58
N THR B 23 4.42 -2.23 1.26
CA THR B 23 5.33 -1.97 2.42
C THR B 23 6.76 -1.70 1.95
N GLY B 24 7.16 -2.29 0.84
CA GLY B 24 8.55 -2.17 0.37
C GLY B 24 9.39 -3.32 0.88
N VAL B 25 8.79 -4.17 1.71
CA VAL B 25 9.51 -5.34 2.26
C VAL B 25 9.44 -6.44 1.20
N SER B 26 10.27 -7.47 1.32
CA SER B 26 10.32 -8.52 0.28
C SER B 26 9.24 -9.57 0.48
N GLN B 27 8.69 -10.09 -0.61
CA GLN B 27 7.69 -11.16 -0.52
C GLN B 27 8.38 -12.33 0.17
N ALA B 28 9.66 -12.51 -0.14
CA ALA B 28 10.43 -13.60 0.49
C ALA B 28 10.26 -13.56 2.00
N VAL B 29 10.53 -12.42 2.63
CA VAL B 29 10.49 -12.43 4.12
C VAL B 29 9.05 -12.65 4.58
N ILE B 30 8.08 -12.01 3.95
CA ILE B 30 6.68 -12.13 4.46
C ILE B 30 6.28 -13.59 4.31
N SER B 31 6.61 -14.18 3.18
CA SER B 31 6.23 -15.60 2.94
C SER B 31 6.92 -16.50 3.96
N LYS B 32 8.12 -16.15 4.37
CA LYS B 32 8.88 -17.04 5.26
C LYS B 32 8.37 -16.85 6.68
N LEU B 33 7.95 -15.64 7.02
CA LEU B 33 7.35 -15.39 8.35
C LEU B 33 6.04 -16.17 8.45
N ARG B 34 5.22 -16.12 7.39
CA ARG B 34 3.93 -16.84 7.37
C ARG B 34 4.18 -18.35 7.40
N ASN B 35 5.16 -18.82 6.63
CA ASN B 35 5.50 -20.26 6.62
C ASN B 35 5.99 -20.63 8.01
N GLY B 36 6.67 -19.69 8.68
CA GLY B 36 7.22 -19.97 10.01
C GLY B 36 8.68 -20.35 9.96
N LYS B 37 9.33 -20.11 8.82
CA LYS B 37 10.78 -20.38 8.70
C LYS B 37 11.54 -19.18 9.26
N LYS B 38 10.83 -18.10 9.56
CA LYS B 38 11.47 -16.88 10.08
C LYS B 38 10.71 -16.40 11.32
N GLU B 39 11.42 -15.90 12.32
CA GLU B 39 10.76 -15.42 13.56
C GLU B 39 10.57 -13.91 13.49
N LEU B 40 9.39 -13.42 13.88
CA LEU B 40 9.06 -11.98 13.82
C LEU B 40 10.03 -11.23 14.73
N GLY B 41 10.44 -11.88 15.81
CA GLY B 41 11.39 -11.26 16.73
C GLY B 41 12.71 -10.99 16.06
N ASN B 42 13.14 -11.85 15.15
CA ASN B 42 14.47 -11.70 14.53
C ASN B 42 14.45 -10.63 13.45
N LEU B 43 13.30 -10.08 13.13
CA LEU B 43 13.17 -9.04 12.07
C LEU B 43 13.76 -7.72 12.56
N THR B 44 14.24 -6.89 11.64
CA THR B 44 14.81 -5.56 11.99
C THR B 44 13.69 -4.58 12.30
N LEU B 45 13.97 -3.58 13.12
CA LEU B 45 12.96 -2.56 13.46
C LEU B 45 12.58 -1.80 12.18
N ASN B 46 13.56 -1.51 11.33
CA ASN B 46 13.29 -0.78 10.06
C ASN B 46 12.19 -1.51 9.28
N SER B 47 12.36 -2.80 9.00
CA SER B 47 11.41 -3.56 8.17
C SER B 47 10.07 -3.72 8.90
N ALA B 48 10.11 -3.80 10.21
CA ALA B 48 8.88 -4.05 10.98
C ALA B 48 8.06 -2.78 11.07
N GLU B 49 8.74 -1.64 11.16
CA GLU B 49 8.04 -0.34 11.17
C GLU B 49 7.26 -0.18 9.86
N LYS B 50 7.79 -0.70 8.76
CA LYS B 50 7.13 -0.61 7.44
C LYS B 50 5.86 -1.45 7.45
N LEU B 51 5.94 -2.69 7.93
CA LEU B 51 4.77 -3.59 7.97
C LEU B 51 3.76 -3.01 8.95
N PHE B 52 4.24 -2.37 10.01
CA PHE B 52 3.35 -1.80 11.05
C PHE B 52 2.60 -0.62 10.45
N GLU B 53 3.30 0.22 9.72
CA GLU B 53 2.66 1.42 9.16
C GLU B 53 1.55 0.97 8.22
N TYR B 54 1.79 -0.10 7.46
CA TYR B 54 0.75 -0.62 6.54
C TYR B 54 -0.49 -1.00 7.36
N GLN B 55 -0.32 -1.88 8.35
CA GLN B 55 -1.47 -2.37 9.14
C GLN B 55 -2.24 -1.17 9.71
N LYS B 56 -1.54 -0.19 10.28
CA LYS B 56 -2.25 0.94 10.92
C LYS B 56 -3.12 1.66 9.89
N GLU B 57 -2.61 1.82 8.67
CA GLU B 57 -3.40 2.47 7.59
C GLU B 57 -4.63 1.63 7.30
N MET B 58 -4.48 0.30 7.23
CA MET B 58 -5.63 -0.61 6.96
C MET B 58 -6.62 -0.51 8.13
N GLU B 59 -6.11 -0.35 9.35
CA GLU B 59 -6.99 -0.29 10.55
C GLU B 59 -7.93 0.91 10.44
N LYS B 60 -7.48 1.99 9.82
CA LYS B 60 -8.32 3.21 9.73
C LYS B 60 -9.62 2.88 9.01
N VAL B 61 -9.57 1.99 8.01
CA VAL B 61 -10.79 1.61 7.24
C VAL B 61 -11.80 0.99 8.20
N ASP B 62 -11.34 0.14 9.12
CA ASP B 62 -12.24 -0.54 10.09
C ASP B 62 -13.42 -1.16 9.35
N SER E 1 -14.04 -0.59 -15.39
CA SER E 1 -13.57 -0.53 -16.79
C SER E 1 -12.43 -1.52 -17.00
N MET E 2 -12.74 -2.82 -17.03
CA MET E 2 -11.67 -3.83 -17.16
C MET E 2 -10.96 -3.59 -18.49
N ARG E 3 -9.63 -3.53 -18.46
CA ARG E 3 -8.84 -3.27 -19.69
C ARG E 3 -9.06 -4.43 -20.66
N LYS E 4 -9.12 -5.64 -20.15
CA LYS E 4 -9.24 -6.82 -21.05
C LYS E 4 -10.54 -6.71 -21.85
N THR E 5 -11.66 -6.37 -21.21
CA THR E 5 -12.96 -6.36 -21.93
C THR E 5 -12.98 -5.23 -22.96
N ILE E 6 -12.46 -4.05 -22.60
CA ILE E 6 -12.40 -2.91 -23.56
C ILE E 6 -11.51 -3.33 -24.72
N GLU E 7 -10.39 -3.99 -24.42
CA GLU E 7 -9.47 -4.47 -25.48
C GLU E 7 -10.21 -5.50 -26.33
N ARG E 8 -11.05 -6.33 -25.69
CA ARG E 8 -11.75 -7.40 -26.43
C ARG E 8 -12.71 -6.73 -27.41
N LEU E 9 -13.34 -5.63 -27.00
CA LEU E 9 -14.20 -4.87 -27.94
C LEU E 9 -13.33 -4.40 -29.11
N LEU E 10 -12.15 -3.87 -28.81
CA LEU E 10 -11.31 -3.31 -29.89
C LEU E 10 -10.88 -4.46 -30.80
N ASN E 11 -10.60 -5.62 -30.22
CA ASN E 11 -10.19 -6.82 -30.99
C ASN E 11 -11.38 -7.39 -31.77
N SER E 12 -12.61 -7.11 -31.34
CA SER E 12 -13.81 -7.71 -32.00
C SER E 12 -13.87 -7.23 -33.46
N GLU E 13 -14.36 -8.09 -34.35
CA GLU E 13 -14.40 -7.74 -35.78
C GLU E 13 -15.65 -6.89 -36.01
N LEU E 14 -15.66 -5.69 -35.43
CA LEU E 14 -16.81 -4.76 -35.56
C LEU E 14 -16.24 -3.44 -36.05
N SER E 15 -17.04 -2.65 -36.76
CA SER E 15 -16.49 -1.41 -37.35
C SER E 15 -16.03 -0.45 -36.25
N SER E 16 -14.90 0.21 -36.45
CA SER E 16 -14.45 1.23 -35.47
C SER E 16 -15.53 2.31 -35.44
N ASN E 17 -16.16 2.56 -36.58
CA ASN E 17 -17.26 3.56 -36.67
C ASN E 17 -18.50 3.04 -35.95
N SER E 18 -18.77 1.74 -36.05
CA SER E 18 -19.99 1.21 -35.41
C SER E 18 -19.86 1.38 -33.90
N ILE E 19 -18.71 0.98 -33.35
CA ILE E 19 -18.47 1.16 -31.89
C ILE E 19 -18.60 2.65 -31.60
N ALA E 20 -17.92 3.47 -32.39
CA ALA E 20 -17.94 4.91 -32.18
C ALA E 20 -19.36 5.43 -32.00
N VAL E 21 -20.25 5.09 -32.92
CA VAL E 21 -21.64 5.53 -32.83
C VAL E 21 -22.33 4.93 -31.62
N ARG E 22 -22.11 3.63 -31.37
CA ARG E 22 -22.89 2.95 -30.35
C ARG E 22 -22.40 3.24 -28.93
N THR E 23 -21.14 3.65 -28.76
CA THR E 23 -20.59 3.98 -27.45
C THR E 23 -20.62 5.47 -27.14
N GLY E 24 -20.53 6.32 -28.16
CA GLY E 24 -20.44 7.75 -27.98
C GLY E 24 -19.04 8.32 -28.11
N VAL E 25 -18.03 7.48 -28.09
CA VAL E 25 -16.65 7.93 -28.26
C VAL E 25 -16.35 8.08 -29.74
N SER E 26 -15.45 9.00 -30.08
CA SER E 26 -15.19 9.34 -31.48
C SER E 26 -14.54 8.17 -32.21
N GLN E 27 -14.91 8.02 -33.49
CA GLN E 27 -14.26 7.02 -34.34
C GLN E 27 -12.77 7.29 -34.48
N ALA E 28 -12.37 8.55 -34.45
CA ALA E 28 -10.95 8.88 -34.48
C ALA E 28 -10.22 8.16 -33.36
N VAL E 29 -10.74 8.26 -32.14
CA VAL E 29 -10.08 7.67 -30.98
C VAL E 29 -9.97 6.16 -31.14
N ILE E 30 -11.06 5.53 -31.55
CA ILE E 30 -11.07 4.05 -31.71
C ILE E 30 -10.04 3.70 -32.75
N SER E 31 -9.98 4.46 -33.83
CA SER E 31 -9.03 4.14 -34.94
C SER E 31 -7.59 4.26 -34.44
N LYS E 32 -7.29 5.29 -33.67
CA LYS E 32 -5.89 5.52 -33.24
C LYS E 32 -5.54 4.48 -32.20
N LEU E 33 -6.54 4.00 -31.46
CA LEU E 33 -6.30 2.95 -30.43
C LEU E 33 -5.98 1.63 -31.14
N ARG E 34 -6.83 1.23 -32.09
CA ARG E 34 -6.64 -0.06 -32.79
C ARG E 34 -5.30 -0.02 -33.54
N ASN E 35 -5.02 1.11 -34.19
CA ASN E 35 -3.74 1.28 -34.92
C ASN E 35 -2.57 1.24 -33.93
N GLY E 36 -2.77 1.80 -32.74
CA GLY E 36 -1.71 1.81 -31.72
C GLY E 36 -1.11 3.18 -31.50
N LYS E 37 -1.65 4.22 -32.12
CA LYS E 37 -1.15 5.59 -31.86
C LYS E 37 -1.52 5.98 -30.42
N LYS E 38 -2.77 5.77 -30.05
CA LYS E 38 -3.24 6.09 -28.68
C LYS E 38 -3.10 4.83 -27.82
N GLU E 39 -3.03 4.99 -26.50
CA GLU E 39 -2.88 3.83 -25.59
C GLU E 39 -4.14 3.76 -24.75
N LEU E 40 -4.64 2.56 -24.49
CA LEU E 40 -5.91 2.42 -23.72
C LEU E 40 -5.67 3.03 -22.35
N GLY E 41 -4.45 2.90 -21.85
CA GLY E 41 -4.13 3.39 -20.50
C GLY E 41 -4.34 4.88 -20.37
N ASN E 42 -4.06 5.64 -21.42
CA ASN E 42 -4.13 7.11 -21.30
C ASN E 42 -5.57 7.58 -21.57
N LEU E 43 -6.49 6.66 -21.83
CA LEU E 43 -7.91 7.00 -22.08
C LEU E 43 -8.60 7.39 -20.78
N THR E 44 -9.58 8.29 -20.84
CA THR E 44 -10.27 8.79 -19.62
C THR E 44 -11.24 7.73 -19.12
N LEU E 45 -11.59 7.77 -17.84
CA LEU E 45 -12.49 6.73 -17.26
C LEU E 45 -13.84 6.86 -17.94
N ASN E 46 -14.28 8.08 -18.22
CA ASN E 46 -15.60 8.29 -18.84
C ASN E 46 -15.64 7.58 -20.20
N SER E 47 -14.60 7.78 -21.01
CA SER E 47 -14.54 7.12 -22.35
C SER E 47 -14.39 5.61 -22.18
N ALA E 48 -13.57 5.17 -21.22
CA ALA E 48 -13.33 3.73 -21.01
C ALA E 48 -14.63 3.04 -20.57
N GLU E 49 -15.40 3.69 -19.71
CA GLU E 49 -16.68 3.11 -19.22
C GLU E 49 -17.63 2.95 -20.40
N LYS E 50 -17.65 3.93 -21.30
CA LYS E 50 -18.54 3.87 -22.48
C LYS E 50 -18.21 2.62 -23.29
N LEU E 51 -16.94 2.25 -23.44
CA LEU E 51 -16.59 1.10 -24.31
C LEU E 51 -16.85 -0.21 -23.56
N PHE E 52 -16.60 -0.24 -22.25
CA PHE E 52 -16.81 -1.46 -21.41
C PHE E 52 -18.29 -1.83 -21.42
N GLU E 53 -19.17 -0.84 -21.31
CA GLU E 53 -20.62 -1.10 -21.31
C GLU E 53 -21.02 -1.67 -22.67
N TYR E 54 -20.47 -1.15 -23.75
CA TYR E 54 -20.95 -1.70 -25.05
C TYR E 54 -20.46 -3.14 -25.22
N GLN E 55 -19.33 -3.49 -24.61
CA GLN E 55 -18.82 -4.89 -24.69
C GLN E 55 -19.54 -5.76 -23.67
N LYS E 56 -19.75 -5.23 -22.46
CA LYS E 56 -20.40 -6.02 -21.39
C LYS E 56 -21.83 -6.37 -21.82
N GLU E 57 -22.54 -5.42 -22.41
CA GLU E 57 -23.92 -5.67 -22.89
C GLU E 57 -23.87 -6.70 -24.02
N MET E 58 -22.89 -6.58 -24.92
CA MET E 58 -22.79 -7.51 -26.06
C MET E 58 -22.57 -8.92 -25.52
N GLU E 59 -21.74 -9.06 -24.48
CA GLU E 59 -21.43 -10.41 -23.94
C GLU E 59 -22.71 -11.06 -23.41
N LYS E 60 -23.57 -10.27 -22.77
CA LYS E 60 -24.81 -10.83 -22.18
C LYS E 60 -25.67 -11.43 -23.29
N VAL E 61 -25.76 -10.74 -24.44
CA VAL E 61 -26.55 -11.27 -25.60
C VAL E 61 -25.58 -11.94 -26.58
N SER F 1 -10.61 1.60 -12.45
CA SER F 1 -11.63 0.77 -13.13
C SER F 1 -13.01 1.12 -12.55
N MET F 2 -13.53 0.29 -11.65
CA MET F 2 -14.88 0.53 -11.09
C MET F 2 -14.87 1.91 -10.43
N ARG F 3 -15.64 2.85 -10.97
CA ARG F 3 -15.71 4.22 -10.39
C ARG F 3 -16.14 4.09 -8.92
N LYS F 4 -17.09 3.21 -8.64
CA LYS F 4 -17.61 3.05 -7.26
C LYS F 4 -16.45 2.75 -6.29
N THR F 5 -15.58 1.79 -6.62
CA THR F 5 -14.51 1.41 -5.66
C THR F 5 -13.54 2.56 -5.47
N ILE F 6 -13.21 3.27 -6.54
CA ILE F 6 -12.30 4.44 -6.47
C ILE F 6 -12.98 5.51 -5.63
N GLU F 7 -14.30 5.57 -5.65
CA GLU F 7 -15.03 6.55 -4.81
C GLU F 7 -14.86 6.19 -3.34
N ARG F 8 -14.87 4.89 -3.01
CA ARG F 8 -14.68 4.45 -1.61
C ARG F 8 -13.28 4.85 -1.16
N LEU F 9 -12.27 4.69 -2.02
CA LEU F 9 -10.88 5.03 -1.65
C LEU F 9 -10.84 6.53 -1.35
N LEU F 10 -11.41 7.34 -2.24
CA LEU F 10 -11.36 8.82 -2.04
C LEU F 10 -12.05 9.17 -0.73
N ASN F 11 -13.21 8.56 -0.46
CA ASN F 11 -13.98 8.87 0.77
C ASN F 11 -13.30 8.27 1.99
N SER F 12 -12.37 7.31 1.80
CA SER F 12 -11.76 6.60 2.95
C SER F 12 -10.94 7.55 3.83
N GLU F 13 -10.70 7.16 5.08
CA GLU F 13 -9.96 8.01 6.04
C GLU F 13 -8.47 8.05 5.68
N LEU F 14 -8.00 7.11 4.86
CA LEU F 14 -6.53 7.04 4.59
C LEU F 14 -6.04 8.36 3.99
N SER F 15 -4.89 8.83 4.46
CA SER F 15 -4.32 10.13 3.99
C SER F 15 -4.14 10.10 2.48
N SER F 16 -4.35 11.23 1.82
CA SER F 16 -4.13 11.31 0.36
C SER F 16 -2.67 10.92 0.10
N ASN F 17 -1.76 11.37 0.96
CA ASN F 17 -0.33 11.04 0.80
C ASN F 17 -0.11 9.54 1.05
N SER F 18 -0.81 8.97 2.03
CA SER F 18 -0.62 7.54 2.35
C SER F 18 -0.99 6.71 1.13
N ILE F 19 -2.13 7.02 0.53
CA ILE F 19 -2.59 6.29 -0.66
C ILE F 19 -1.68 6.60 -1.83
N ALA F 20 -1.17 7.84 -1.90
CA ALA F 20 -0.19 8.19 -2.92
C ALA F 20 1.02 7.26 -2.86
N VAL F 21 1.52 7.01 -1.66
CA VAL F 21 2.74 6.18 -1.54
C VAL F 21 2.39 4.78 -1.99
N ARG F 22 1.30 4.22 -1.46
CA ARG F 22 0.95 2.81 -1.75
C ARG F 22 0.51 2.59 -3.20
N THR F 23 -0.31 3.48 -3.76
CA THR F 23 -0.76 3.35 -5.17
C THR F 23 0.35 3.64 -6.18
N GLY F 24 1.17 4.65 -5.91
CA GLY F 24 2.20 5.06 -6.90
C GLY F 24 1.70 6.30 -7.58
N VAL F 25 0.46 6.70 -7.27
CA VAL F 25 -0.14 7.89 -7.91
C VAL F 25 0.26 9.10 -7.09
N SER F 26 0.22 10.31 -7.67
CA SER F 26 0.69 11.51 -6.95
C SER F 26 -0.35 11.97 -5.95
N GLN F 27 0.10 12.49 -4.80
CA GLN F 27 -0.83 13.01 -3.77
C GLN F 27 -1.61 14.15 -4.41
N ALA F 28 -0.92 14.96 -5.23
CA ALA F 28 -1.59 16.08 -5.91
C ALA F 28 -2.92 15.61 -6.50
N VAL F 29 -2.90 14.55 -7.31
CA VAL F 29 -4.15 14.14 -8.00
C VAL F 29 -5.15 13.70 -6.94
N ILE F 30 -4.73 12.88 -5.99
CA ILE F 30 -5.67 12.34 -4.98
C ILE F 30 -6.27 13.51 -4.22
N SER F 31 -5.44 14.49 -3.87
CA SER F 31 -5.93 15.68 -3.16
C SER F 31 -6.88 16.50 -4.03
N LYS F 32 -6.60 16.63 -5.31
CA LYS F 32 -7.40 17.51 -6.19
C LYS F 32 -8.73 16.84 -6.51
N LEU F 33 -8.74 15.52 -6.61
CA LEU F 33 -10.01 14.79 -6.83
C LEU F 33 -10.91 15.03 -5.61
N ARG F 34 -10.36 14.90 -4.41
CA ARG F 34 -11.15 15.07 -3.17
C ARG F 34 -11.67 16.51 -3.06
N ASN F 35 -10.83 17.49 -3.40
CA ASN F 35 -11.24 18.92 -3.32
C ASN F 35 -12.24 19.19 -4.45
N GLY F 36 -12.16 18.42 -5.52
CA GLY F 36 -13.02 18.61 -6.67
C GLY F 36 -12.42 19.45 -7.78
N LYS F 37 -11.12 19.76 -7.67
CA LYS F 37 -10.45 20.50 -8.77
C LYS F 37 -10.27 19.54 -9.95
N LYS F 38 -10.30 18.23 -9.68
CA LYS F 38 -10.11 17.23 -10.75
C LYS F 38 -11.31 16.28 -10.79
N GLU F 39 -11.68 15.81 -11.99
CA GLU F 39 -12.81 14.87 -12.14
C GLU F 39 -12.30 13.44 -12.29
N LEU F 40 -12.96 12.48 -11.64
CA LEU F 40 -12.53 11.06 -11.67
C LEU F 40 -12.63 10.53 -13.09
N GLY F 41 -13.62 11.02 -13.84
CA GLY F 41 -13.80 10.59 -15.24
C GLY F 41 -12.61 10.96 -16.09
N ASN F 42 -11.99 12.10 -15.83
CA ASN F 42 -10.86 12.58 -16.66
C ASN F 42 -9.57 11.82 -16.31
N LEU F 43 -9.61 10.98 -15.27
CA LEU F 43 -8.43 10.20 -14.85
C LEU F 43 -8.08 9.17 -15.92
N THR F 44 -6.79 8.86 -16.08
CA THR F 44 -6.36 7.86 -17.09
C THR F 44 -6.61 6.45 -16.53
N LEU F 45 -6.78 5.45 -17.40
CA LEU F 45 -7.09 4.07 -16.94
C LEU F 45 -5.91 3.51 -16.14
N ASN F 46 -4.68 3.87 -16.51
CA ASN F 46 -3.49 3.34 -15.81
C ASN F 46 -3.49 3.84 -14.36
N SER F 47 -3.72 5.13 -14.16
CA SER F 47 -3.75 5.73 -12.79
C SER F 47 -4.94 5.19 -12.02
N ALA F 48 -6.10 5.08 -12.69
CA ALA F 48 -7.32 4.56 -12.02
C ALA F 48 -7.12 3.12 -11.59
N GLU F 49 -6.43 2.33 -12.42
CA GLU F 49 -6.21 0.89 -12.09
C GLU F 49 -5.40 0.81 -10.81
N LYS F 50 -4.41 1.69 -10.64
CA LYS F 50 -3.56 1.67 -9.43
C LYS F 50 -4.42 1.97 -8.19
N LEU F 51 -5.29 2.97 -8.27
CA LEU F 51 -6.17 3.32 -7.12
C LEU F 51 -7.16 2.18 -6.90
N PHE F 52 -7.65 1.58 -7.97
CA PHE F 52 -8.65 0.49 -7.86
C PHE F 52 -8.03 -0.73 -7.20
N GLU F 53 -6.81 -1.06 -7.58
CA GLU F 53 -6.17 -2.28 -7.02
C GLU F 53 -6.04 -2.11 -5.52
N TYR F 54 -5.67 -0.90 -5.06
CA TYR F 54 -5.45 -0.68 -3.62
C TYR F 54 -6.76 -0.93 -2.88
N GLN F 55 -7.86 -0.33 -3.35
CA GLN F 55 -9.16 -0.47 -2.62
C GLN F 55 -9.58 -1.94 -2.61
N LYS F 56 -9.38 -2.65 -3.72
CA LYS F 56 -9.71 -4.10 -3.75
C LYS F 56 -8.86 -4.85 -2.71
N GLU F 57 -7.60 -4.45 -2.54
CA GLU F 57 -6.73 -5.06 -1.50
C GLU F 57 -7.24 -4.70 -0.11
N MET F 58 -7.62 -3.43 0.10
CA MET F 58 -8.18 -3.00 1.41
C MET F 58 -9.51 -3.71 1.63
N GLU F 59 -10.32 -3.84 0.58
CA GLU F 59 -11.66 -4.46 0.70
C GLU F 59 -11.49 -5.91 1.15
N LYS F 60 -10.43 -6.56 0.69
CA LYS F 60 -10.20 -7.98 1.06
C LYS F 60 -10.06 -8.09 2.57
N VAL F 61 -9.93 -6.95 3.25
CA VAL F 61 -9.86 -6.97 4.75
C VAL F 61 -11.18 -6.37 5.26
N ASP F 62 -11.91 -7.12 6.10
CA ASP F 62 -13.23 -6.66 6.59
C ASP F 62 -14.07 -6.16 5.40
#